data_5CC1
#
_entry.id   5CC1
#
_cell.length_a   176.721
_cell.length_b   39.122
_cell.length_c   132.099
_cell.angle_alpha   90.00
_cell.angle_beta   101.10
_cell.angle_gamma   90.00
#
_symmetry.space_group_name_H-M   'C 1 2 1'
#
loop_
_entity.id
_entity.type
_entity.pdbx_description
1 polymer 'Glucocorticoid receptor'
2 polymer "DNA (5'-D(*CP*CP*AP*GP*AP*AP*CP*AP*GP*AP*GP*TP*GP*TP*TP*CP*TP*G)-3')"
3 polymer "DNA (5'-D(*TP*CP*AP*GP*AP*AP*CP*AP*CP*TP*CP*TP*GP*TP*TP*CP*TP*G)-3')"
4 non-polymer 'ZINC ION'
5 water water
#
loop_
_entity_poly.entity_id
_entity_poly.type
_entity_poly.pdbx_seq_one_letter_code
_entity_poly.pdbx_strand_id
1 'polypeptide(L)'
;MHHHHHHSSGVDLGTENLYFQSNAPPKLCLVCGDEASGCHYGVLTCGSCKVFFKRAVEGQHNYLCAGRNDCIIDKIRRKN
CPACRYRKCLQAGMNLEARKTKKKIKGIQQATTG
;
A,B,W,X
2 'polydeoxyribonucleotide' (DC)(DC)(DA)(DG)(DA)(DA)(DC)(DA)(DG)(DA)(DG)(DT)(DG)(DT)(DT)(DC)(DT)(DG) C,Z
3 'polydeoxyribonucleotide' (DT)(DC)(DA)(DG)(DA)(DA)(DC)(DA)(DC)(DT)(DC)(DT)(DG)(DT)(DT)(DC)(DT)(DG) D,Y
#
loop_
_chem_comp.id
_chem_comp.type
_chem_comp.name
_chem_comp.formula
DA DNA linking 2'-DEOXYADENOSINE-5'-MONOPHOSPHATE 'C10 H14 N5 O6 P'
DC DNA linking 2'-DEOXYCYTIDINE-5'-MONOPHOSPHATE 'C9 H14 N3 O7 P'
DG DNA linking 2'-DEOXYGUANOSINE-5'-MONOPHOSPHATE 'C10 H14 N5 O7 P'
DT DNA linking THYMIDINE-5'-MONOPHOSPHATE 'C10 H15 N2 O8 P'
ZN non-polymer 'ZINC ION' 'Zn 2'
#
# COMPACT_ATOMS: atom_id res chain seq x y z
N PRO A 25 16.71 -13.79 1.01
CA PRO A 25 17.99 -13.23 1.44
C PRO A 25 18.18 -11.73 1.36
N PRO A 26 17.81 -11.02 0.28
CA PRO A 26 17.57 -9.64 0.66
C PRO A 26 16.33 -9.57 1.55
N LYS A 27 16.45 -8.91 2.70
CA LYS A 27 15.42 -9.03 3.72
C LYS A 27 14.70 -7.71 3.96
N LEU A 28 13.47 -7.81 4.45
CA LEU A 28 12.53 -6.70 4.44
C LEU A 28 12.23 -6.12 5.81
N CYS A 29 12.08 -4.80 5.87
CA CYS A 29 11.72 -4.11 7.10
C CYS A 29 10.34 -4.59 7.55
N LEU A 30 10.24 -5.11 8.76
CA LEU A 30 8.95 -5.57 9.26
C LEU A 30 7.97 -4.43 9.51
N VAL A 31 8.42 -3.20 9.40
CA VAL A 31 7.52 -2.07 9.63
C VAL A 31 7.00 -1.48 8.31
N CYS A 32 7.89 -0.98 7.46
CA CYS A 32 7.43 -0.44 6.17
C CYS A 32 7.61 -1.32 4.93
N GLY A 33 8.24 -2.49 5.03
CA GLY A 33 8.45 -3.32 3.85
C GLY A 33 9.62 -2.93 2.93
N ASP A 34 10.29 -1.84 3.26
CA ASP A 34 11.54 -1.45 2.62
C ASP A 34 12.64 -2.47 2.95
N GLU A 35 13.75 -2.45 2.22
CA GLU A 35 14.81 -3.40 2.51
C GLU A 35 15.50 -3.05 3.83
N ALA A 36 15.63 -4.07 4.68
CA ALA A 36 16.12 -3.88 6.03
C ALA A 36 17.63 -3.66 6.13
N SER A 37 18.01 -2.80 7.07
CA SER A 37 19.40 -2.47 7.41
C SER A 37 20.08 -3.51 8.32
N GLY A 38 19.30 -4.26 9.08
CA GLY A 38 19.85 -5.13 10.09
C GLY A 38 18.86 -5.25 11.21
N CYS A 39 19.32 -5.71 12.35
CA CYS A 39 18.44 -5.87 13.49
C CYS A 39 18.52 -4.61 14.34
N HIS A 40 17.43 -3.87 14.51
CA HIS A 40 17.50 -2.64 15.28
C HIS A 40 16.41 -2.60 16.31
N TYR A 41 16.80 -2.30 17.55
CA TYR A 41 15.86 -2.35 18.67
C TYR A 41 15.09 -3.66 18.64
N GLY A 42 15.78 -4.73 18.24
CA GLY A 42 15.22 -6.07 18.29
C GLY A 42 14.45 -6.57 17.08
N VAL A 43 14.28 -5.75 16.05
CA VAL A 43 13.42 -6.13 14.95
C VAL A 43 14.13 -5.88 13.64
N LEU A 44 13.86 -6.72 12.65
CA LEU A 44 14.45 -6.49 11.35
C LEU A 44 13.79 -5.25 10.78
N THR A 45 14.57 -4.21 10.54
CA THR A 45 14.03 -2.94 10.10
C THR A 45 15.02 -2.19 9.24
N CYS A 46 14.47 -1.23 8.49
CA CYS A 46 15.24 -0.27 7.70
C CYS A 46 15.82 0.79 8.61
N GLY A 47 16.78 1.55 8.09
CA GLY A 47 17.36 2.63 8.86
C GLY A 47 16.38 3.75 9.21
N SER A 48 15.48 4.12 8.30
CA SER A 48 14.61 5.26 8.60
C SER A 48 13.66 4.90 9.78
N CYS A 49 13.18 3.66 9.78
CA CYS A 49 12.29 3.18 10.84
C CYS A 49 13.06 3.04 12.15
N LYS A 50 14.30 2.56 12.07
CA LYS A 50 15.18 2.54 13.25
C LYS A 50 15.22 3.89 13.94
N VAL A 51 15.58 4.94 13.21
CA VAL A 51 15.67 6.25 13.84
C VAL A 51 14.30 6.88 14.13
N PHE A 52 13.30 6.63 13.27
CA PHE A 52 11.94 7.11 13.57
C PHE A 52 11.51 6.60 14.94
N PHE A 53 11.74 5.31 15.18
CA PHE A 53 11.31 4.71 16.43
C PHE A 53 12.05 5.30 17.61
N LYS A 54 13.35 5.50 17.46
CA LYS A 54 14.17 6.04 18.56
C LYS A 54 13.62 7.40 18.92
N ARG A 55 13.35 8.18 17.89
CA ARG A 55 12.81 9.50 18.07
C ARG A 55 11.45 9.47 18.74
N ALA A 56 10.64 8.48 18.39
CA ALA A 56 9.30 8.48 18.94
C ALA A 56 9.28 8.11 20.42
N VAL A 57 10.15 7.19 20.84
CA VAL A 57 10.11 6.75 22.24
C VAL A 57 10.80 7.72 23.19
N GLU A 58 11.83 8.40 22.71
CA GLU A 58 12.56 9.37 23.50
C GLU A 58 11.74 10.61 23.71
N GLY A 59 10.90 10.93 22.76
CA GLY A 59 10.13 12.16 22.87
C GLY A 59 8.67 11.93 23.22
N GLN A 60 7.84 12.90 22.86
CA GLN A 60 6.41 12.73 22.93
C GLN A 60 5.92 12.13 21.61
N HIS A 61 5.26 10.97 21.71
CA HIS A 61 4.67 10.31 20.56
C HIS A 61 3.16 10.57 20.39
N ASN A 62 2.63 11.69 20.88
CA ASN A 62 1.19 11.90 20.66
C ASN A 62 0.91 12.33 19.21
N TYR A 63 0.36 11.38 18.48
CA TYR A 63 0.23 11.49 17.05
C TYR A 63 -1.22 11.27 16.81
N LEU A 64 -1.77 11.94 15.83
CA LEU A 64 -3.15 11.70 15.46
C LEU A 64 -3.26 11.08 14.09
N CYS A 65 -4.07 10.03 14.00
CA CYS A 65 -4.36 9.41 12.70
C CYS A 65 -5.49 10.21 12.06
N ALA A 66 -5.32 10.53 10.78
CA ALA A 66 -6.37 11.23 10.03
C ALA A 66 -7.34 10.24 9.37
N GLY A 67 -6.97 8.97 9.47
CA GLY A 67 -7.69 7.87 8.88
C GLY A 67 -8.47 7.09 9.90
N ARG A 68 -8.49 5.78 9.69
CA ARG A 68 -9.03 4.79 10.61
C ARG A 68 -8.02 4.00 11.47
N ASN A 69 -6.79 4.50 11.61
CA ASN A 69 -5.70 3.79 12.31
C ASN A 69 -5.28 2.49 11.67
N ASP A 70 -5.63 2.32 10.40
CA ASP A 70 -5.09 1.27 9.54
C ASP A 70 -4.22 1.75 8.38
N CYS A 71 -3.68 2.97 8.44
CA CYS A 71 -3.01 3.55 7.29
C CYS A 71 -1.96 2.60 6.68
N ILE A 72 -1.82 2.60 5.36
CA ILE A 72 -0.84 1.73 4.74
C ILE A 72 0.57 2.27 5.01
N ILE A 73 1.45 1.48 5.59
CA ILE A 73 2.79 1.99 5.87
C ILE A 73 3.80 1.27 4.96
N ASP A 74 4.30 2.01 3.97
CA ASP A 74 5.33 1.54 3.04
C ASP A 74 6.33 2.66 2.72
N LYS A 75 7.22 2.42 1.75
CA LYS A 75 8.34 3.32 1.56
C LYS A 75 7.92 4.72 1.15
N ILE A 76 6.90 4.85 0.30
CA ILE A 76 6.51 6.21 -0.04
C ILE A 76 5.52 6.79 1.01
N ARG A 77 4.65 5.94 1.55
CA ARG A 77 3.59 6.48 2.40
C ARG A 77 3.93 6.54 3.91
N ARG A 78 5.05 5.97 4.30
CA ARG A 78 5.33 5.88 5.73
C ARG A 78 5.45 7.23 6.42
N LYS A 79 5.71 8.32 5.68
CA LYS A 79 5.77 9.65 6.29
C LYS A 79 4.37 10.21 6.61
N ASN A 80 3.32 9.63 6.03
CA ASN A 80 1.97 10.22 6.15
C ASN A 80 1.38 10.13 7.57
N CYS A 81 1.61 9.01 8.23
CA CYS A 81 0.92 8.76 9.47
C CYS A 81 1.90 8.24 10.52
N PRO A 82 2.59 9.15 11.20
CA PRO A 82 3.45 8.76 12.32
C PRO A 82 2.72 7.88 13.32
N ALA A 83 1.45 8.20 13.60
CA ALA A 83 0.67 7.38 14.53
C ALA A 83 0.60 5.89 14.11
N CYS A 84 0.21 5.60 12.86
CA CYS A 84 0.21 4.19 12.40
C CYS A 84 1.62 3.62 12.29
N ARG A 85 2.59 4.43 11.88
CA ARG A 85 3.94 3.92 11.79
C ARG A 85 4.45 3.46 13.17
N TYR A 86 4.19 4.27 14.18
CA TYR A 86 4.70 3.97 15.51
C TYR A 86 3.98 2.73 16.08
N ARG A 87 2.69 2.60 15.82
CA ARG A 87 1.96 1.42 16.22
C ARG A 87 2.51 0.18 15.53
N LYS A 88 2.84 0.26 14.24
CA LYS A 88 3.46 -0.88 13.58
C LYS A 88 4.81 -1.25 14.23
N CYS A 89 5.60 -0.24 14.60
CA CYS A 89 6.83 -0.51 15.33
C CYS A 89 6.58 -1.33 16.61
N LEU A 90 5.56 -0.95 17.38
CA LEU A 90 5.29 -1.65 18.63
C LEU A 90 4.79 -3.06 18.37
N GLN A 91 3.88 -3.20 17.40
CA GLN A 91 3.38 -4.52 17.01
C GLN A 91 4.50 -5.48 16.58
N ALA A 92 5.48 -4.93 15.88
CA ALA A 92 6.63 -5.74 15.47
C ALA A 92 7.48 -6.11 16.66
N GLY A 93 7.32 -5.38 17.75
CA GLY A 93 8.08 -5.68 18.95
C GLY A 93 9.32 -4.83 19.21
N MET A 94 9.45 -3.69 18.53
CA MET A 94 10.62 -2.86 18.77
C MET A 94 10.67 -2.41 20.21
N ASN A 95 11.87 -2.35 20.77
CA ASN A 95 12.06 -1.80 22.12
C ASN A 95 13.50 -1.42 22.39
N LEU A 96 13.73 -0.47 23.30
CA LEU A 96 15.07 0.08 23.46
C LEU A 96 15.98 -0.86 24.19
N GLU A 97 15.42 -1.74 25.01
CA GLU A 97 16.22 -2.66 25.84
C GLU A 97 17.25 -3.40 25.02
N ALA A 98 16.95 -3.63 23.74
CA ALA A 98 17.93 -4.21 22.80
C ALA A 98 18.62 -5.46 23.38
N ARG A 99 19.95 -5.50 23.29
CA ARG A 99 20.80 -6.50 23.96
C ARG A 99 20.37 -7.98 23.79
N PRO B 26 -16.04 34.25 14.39
CA PRO B 26 -14.98 33.57 13.62
C PRO B 26 -15.45 32.99 12.29
N LYS B 27 -14.81 33.36 11.19
CA LYS B 27 -15.12 32.66 9.95
C LYS B 27 -13.98 31.67 9.68
N LEU B 28 -14.38 30.46 9.33
CA LEU B 28 -13.50 29.29 9.36
C LEU B 28 -13.05 28.79 7.99
N CYS B 29 -11.82 28.28 7.94
CA CYS B 29 -11.26 27.74 6.69
C CYS B 29 -12.11 26.62 6.13
N LEU B 30 -12.48 26.74 4.87
CA LEU B 30 -13.34 25.76 4.24
C LEU B 30 -12.62 24.44 3.95
N VAL B 31 -11.32 24.43 4.19
CA VAL B 31 -10.54 23.24 3.96
C VAL B 31 -10.22 22.53 5.25
N CYS B 32 -9.45 23.19 6.11
CA CYS B 32 -9.06 22.54 7.37
C CYS B 32 -9.88 22.96 8.59
N GLY B 33 -10.78 23.92 8.43
CA GLY B 33 -11.58 24.39 9.56
C GLY B 33 -10.89 25.30 10.56
N ASP B 34 -9.61 25.60 10.35
CA ASP B 34 -8.83 26.52 11.18
C ASP B 34 -9.44 27.91 11.01
N GLU B 35 -9.13 28.84 11.91
CA GLU B 35 -9.68 30.17 11.72
C GLU B 35 -9.11 30.80 10.45
N ALA B 36 -10.02 31.26 9.59
CA ALA B 36 -9.65 31.76 8.28
C ALA B 36 -9.13 33.18 8.34
N SER B 37 -8.05 33.45 7.61
CA SER B 37 -7.46 34.78 7.55
C SER B 37 -8.21 35.67 6.58
N GLY B 38 -8.75 35.09 5.51
CA GLY B 38 -9.41 35.86 4.47
C GLY B 38 -9.78 35.03 3.26
N CYS B 39 -9.97 35.67 2.13
CA CYS B 39 -10.30 34.97 0.90
C CYS B 39 -9.04 34.73 0.09
N HIS B 40 -8.73 33.48 -0.21
CA HIS B 40 -7.49 33.16 -0.91
C HIS B 40 -7.73 32.24 -2.09
N TYR B 41 -7.15 32.59 -3.24
CA TYR B 41 -7.32 31.82 -4.46
C TYR B 41 -8.78 31.47 -4.75
N GLY B 42 -9.68 32.35 -4.33
CA GLY B 42 -11.09 32.22 -4.68
C GLY B 42 -11.95 31.60 -3.61
N VAL B 43 -11.33 31.20 -2.50
CA VAL B 43 -12.03 30.48 -1.46
C VAL B 43 -11.67 31.06 -0.11
N LEU B 44 -12.59 31.02 0.84
CA LEU B 44 -12.29 31.49 2.17
C LEU B 44 -11.46 30.45 2.94
N THR B 45 -10.21 30.79 3.28
CA THR B 45 -9.30 29.81 3.84
C THR B 45 -8.26 30.42 4.79
N CYS B 46 -7.64 29.55 5.58
CA CYS B 46 -6.50 29.89 6.42
C CYS B 46 -5.25 30.11 5.58
N GLY B 47 -4.24 30.72 6.19
CA GLY B 47 -2.99 30.99 5.49
C GLY B 47 -2.10 29.79 5.22
N SER B 48 -2.09 28.81 6.11
CA SER B 48 -1.31 27.60 5.84
C SER B 48 -1.89 26.90 4.61
N CYS B 49 -3.22 26.85 4.54
CA CYS B 49 -3.85 26.26 3.38
C CYS B 49 -3.55 27.10 2.13
N LYS B 50 -3.53 28.41 2.31
CA LYS B 50 -3.17 29.28 1.19
C LYS B 50 -1.85 28.83 0.59
N VAL B 51 -0.81 28.73 1.41
CA VAL B 51 0.50 28.47 0.84
C VAL B 51 0.70 26.99 0.47
N PHE B 52 0.00 26.09 1.16
CA PHE B 52 0.03 24.67 0.77
C PHE B 52 -0.47 24.53 -0.66
N PHE B 53 -1.58 25.19 -0.96
CA PHE B 53 -2.20 25.03 -2.26
C PHE B 53 -1.31 25.54 -3.40
N LYS B 54 -0.72 26.70 -3.19
CA LYS B 54 0.19 27.26 -4.16
C LYS B 54 1.29 26.25 -4.39
N ARG B 55 1.89 25.82 -3.29
CA ARG B 55 3.01 24.91 -3.35
C ARG B 55 2.63 23.64 -4.09
N ALA B 56 1.42 23.15 -3.83
CA ALA B 56 1.00 21.91 -4.44
C ALA B 56 0.84 22.12 -5.93
N VAL B 57 0.02 23.10 -6.27
CA VAL B 57 -0.28 23.38 -7.66
C VAL B 57 0.98 23.64 -8.49
N GLU B 58 1.82 24.58 -8.09
CA GLU B 58 3.00 24.85 -8.90
C GLU B 58 4.09 23.79 -8.82
N GLY B 59 4.28 23.17 -7.67
CA GLY B 59 5.21 22.05 -7.57
C GLY B 59 4.59 20.91 -8.36
N GLN B 60 5.13 19.71 -8.36
CA GLN B 60 4.55 18.72 -9.26
C GLN B 60 3.01 18.55 -9.00
N HIS B 61 2.46 17.91 -7.96
CA HIS B 61 2.74 16.55 -7.58
C HIS B 61 1.44 15.75 -7.53
N ASN B 62 1.65 14.44 -7.63
CA ASN B 62 0.69 13.38 -7.32
C ASN B 62 1.03 12.94 -5.90
N TYR B 63 0.15 13.27 -4.99
CA TYR B 63 0.25 12.85 -3.61
C TYR B 63 -0.52 11.53 -3.52
N LEU B 64 -0.13 10.63 -2.62
CA LEU B 64 -0.89 9.38 -2.46
C LEU B 64 -1.40 9.20 -1.02
N CYS B 65 -2.69 8.94 -0.86
CA CYS B 65 -3.28 8.69 0.45
C CYS B 65 -2.88 7.30 0.96
N ALA B 66 -2.66 7.17 2.27
CA ALA B 66 -2.37 5.86 2.87
C ALA B 66 -3.66 5.26 3.45
N GLY B 67 -4.74 5.99 3.25
CA GLY B 67 -6.07 5.67 3.71
C GLY B 67 -7.05 5.15 2.67
N ARG B 68 -8.25 5.72 2.78
CA ARG B 68 -9.38 5.55 1.87
C ARG B 68 -9.73 6.73 0.93
N ASN B 69 -8.82 7.70 0.74
CA ASN B 69 -9.12 8.96 0.04
C ASN B 69 -10.19 9.77 0.76
N ASP B 70 -10.42 9.41 2.01
CA ASP B 70 -11.36 10.05 2.94
C ASP B 70 -10.77 10.77 4.14
N CYS B 71 -9.49 11.13 4.13
CA CYS B 71 -8.89 11.60 5.38
C CYS B 71 -9.52 12.83 6.06
N ILE B 72 -9.53 12.81 7.39
CA ILE B 72 -9.97 13.96 8.17
C ILE B 72 -8.96 15.08 8.02
N ILE B 73 -9.41 16.26 7.66
CA ILE B 73 -8.51 17.40 7.58
C ILE B 73 -8.88 18.45 8.61
N ASP B 74 -8.09 18.54 9.67
CA ASP B 74 -8.28 19.60 10.66
C ASP B 74 -6.93 20.24 10.93
N LYS B 75 -6.91 21.18 11.86
CA LYS B 75 -5.70 21.97 12.08
C LYS B 75 -4.53 21.07 12.35
N ILE B 76 -4.72 20.06 13.19
CA ILE B 76 -3.62 19.14 13.46
C ILE B 76 -3.45 18.17 12.31
N ARG B 77 -4.55 17.61 11.85
CA ARG B 77 -4.45 16.49 10.93
C ARG B 77 -4.14 16.86 9.49
N ARG B 78 -4.27 18.15 9.14
CA ARG B 78 -4.00 18.57 7.76
C ARG B 78 -2.60 18.17 7.24
N LYS B 79 -1.64 18.01 8.15
CA LYS B 79 -0.27 17.69 7.75
C LYS B 79 -0.13 16.25 7.29
N ASN B 80 -1.07 15.41 7.71
CA ASN B 80 -0.97 13.97 7.47
C ASN B 80 -1.16 13.55 6.02
N CYS B 81 -2.14 14.11 5.35
CA CYS B 81 -2.48 13.63 4.03
C CYS B 81 -2.64 14.76 3.04
N PRO B 82 -1.54 15.11 2.40
CA PRO B 82 -1.47 16.10 1.33
C PRO B 82 -2.43 15.74 0.20
N ALA B 83 -2.55 14.46 -0.10
CA ALA B 83 -3.50 14.03 -1.12
C ALA B 83 -4.89 14.50 -0.74
N CYS B 84 -5.36 14.17 0.46
CA CYS B 84 -6.72 14.52 0.82
C CYS B 84 -6.84 16.03 1.05
N ARG B 85 -5.76 16.66 1.49
CA ARG B 85 -5.79 18.10 1.67
C ARG B 85 -5.97 18.78 0.31
N TYR B 86 -5.11 18.42 -0.62
CA TYR B 86 -5.15 18.95 -1.96
C TYR B 86 -6.50 18.77 -2.63
N ARG B 87 -7.01 17.55 -2.58
CA ARG B 87 -8.36 17.26 -3.04
C ARG B 87 -9.40 18.18 -2.43
N LYS B 88 -9.33 18.39 -1.13
CA LYS B 88 -10.36 19.19 -0.49
C LYS B 88 -10.24 20.64 -0.96
N CYS B 89 -9.03 21.08 -1.21
CA CYS B 89 -8.81 22.41 -1.78
C CYS B 89 -9.54 22.56 -3.10
N LEU B 90 -9.39 21.55 -3.95
CA LEU B 90 -9.93 21.62 -5.29
C LEU B 90 -11.43 21.57 -5.20
N GLN B 91 -11.96 20.56 -4.53
CA GLN B 91 -13.42 20.45 -4.39
C GLN B 91 -14.02 21.68 -3.72
N ALA B 92 -13.19 22.54 -3.13
CA ALA B 92 -13.68 23.78 -2.58
C ALA B 92 -13.66 24.93 -3.61
N GLY B 93 -12.99 24.70 -4.73
CA GLY B 93 -12.96 25.66 -5.80
C GLY B 93 -11.73 26.56 -5.84
N MET B 94 -10.70 26.19 -5.10
CA MET B 94 -9.47 26.98 -5.16
C MET B 94 -8.88 26.87 -6.55
N ASN B 95 -8.44 27.98 -7.11
CA ASN B 95 -7.65 27.96 -8.34
C ASN B 95 -6.80 29.20 -8.44
N LEU B 96 -5.71 29.12 -9.19
CA LEU B 96 -4.76 30.24 -9.29
C LEU B 96 -5.32 31.48 -9.99
N GLU B 97 -6.20 31.28 -10.97
CA GLU B 97 -6.85 32.40 -11.67
C GLU B 97 -7.70 33.33 -10.79
N ALA B 98 -8.85 32.82 -10.35
CA ALA B 98 -9.93 33.61 -9.75
C ALA B 98 -9.59 34.12 -8.35
N PRO E 25 -14.63 6.73 -27.59
CA PRO E 25 -14.62 5.34 -28.07
C PRO E 25 -15.47 4.43 -27.16
N PRO E 26 -15.23 3.10 -27.21
CA PRO E 26 -15.45 2.39 -25.95
C PRO E 26 -14.41 2.88 -24.94
N LYS E 27 -14.76 3.03 -23.67
CA LYS E 27 -13.83 3.70 -22.75
C LYS E 27 -13.17 2.73 -21.76
N LEU E 28 -12.00 3.13 -21.28
CA LEU E 28 -11.13 2.19 -20.53
C LEU E 28 -11.08 2.41 -19.03
N CYS E 29 -11.03 1.32 -18.28
CA CYS E 29 -10.89 1.38 -16.81
C CYS E 29 -9.59 2.07 -16.46
N LEU E 30 -9.65 3.16 -15.70
CA LEU E 30 -8.44 3.86 -15.33
C LEU E 30 -7.57 3.07 -14.37
N VAL E 31 -8.06 1.95 -13.87
CA VAL E 31 -7.25 1.15 -12.96
C VAL E 31 -6.55 0.00 -13.67
N CYS E 32 -7.31 -0.92 -14.28
CA CYS E 32 -6.67 -2.02 -15.00
C CYS E 32 -6.61 -1.93 -16.54
N GLY E 33 -7.20 -0.92 -17.16
CA GLY E 33 -7.16 -0.83 -18.62
C GLY E 33 -8.18 -1.67 -19.38
N ASP E 34 -8.94 -2.47 -18.65
CA ASP E 34 -10.09 -3.19 -19.18
C ASP E 34 -11.18 -2.19 -19.61
N GLU E 35 -12.15 -2.63 -20.40
CA GLU E 35 -13.20 -1.69 -20.81
C GLU E 35 -14.12 -1.35 -19.62
N ALA E 36 -14.34 -0.06 -19.45
CA ALA E 36 -15.06 0.45 -18.29
C ALA E 36 -16.57 0.21 -18.35
N SER E 37 -17.14 -0.02 -17.16
CA SER E 37 -18.58 -0.19 -16.95
C SER E 37 -19.36 1.12 -16.82
N GLY E 38 -18.67 2.20 -16.45
CA GLY E 38 -19.34 3.43 -16.14
C GLY E 38 -18.52 4.17 -15.10
N CYS E 39 -19.14 5.13 -14.44
CA CYS E 39 -18.45 5.90 -13.44
C CYS E 39 -18.72 5.25 -12.08
N HIS E 40 -17.70 4.76 -11.38
CA HIS E 40 -17.97 4.10 -10.11
C HIS E 40 -17.06 4.65 -9.04
N TYR E 41 -17.65 5.02 -7.91
CA TYR E 41 -16.90 5.68 -6.85
C TYR E 41 -16.07 6.83 -7.42
N GLY E 42 -16.64 7.50 -8.41
CA GLY E 42 -16.06 8.70 -9.00
C GLY E 42 -15.07 8.54 -10.14
N VAL E 43 -14.77 7.30 -10.54
CA VAL E 43 -13.73 7.10 -11.52
C VAL E 43 -14.23 6.18 -12.61
N LEU E 44 -13.76 6.40 -13.83
CA LEU E 44 -14.14 5.49 -14.90
C LEU E 44 -13.46 4.17 -14.64
N THR E 45 -14.24 3.11 -14.43
CA THR E 45 -13.68 1.83 -14.06
C THR E 45 -14.55 0.71 -14.56
N CYS E 46 -13.96 -0.49 -14.61
CA CYS E 46 -14.62 -1.74 -14.90
C CYS E 46 -15.40 -2.21 -13.68
N GLY E 47 -16.29 -3.16 -13.86
CA GLY E 47 -17.03 -3.72 -12.75
C GLY E 47 -16.19 -4.46 -11.73
N SER E 48 -15.16 -5.19 -12.16
CA SER E 48 -14.39 -5.97 -11.18
C SER E 48 -13.64 -5.02 -10.22
N CYS E 49 -13.11 -3.93 -10.77
CA CYS E 49 -12.39 -2.94 -9.99
C CYS E 49 -13.34 -2.18 -9.07
N LYS E 50 -14.53 -1.85 -9.59
CA LYS E 50 -15.58 -1.27 -8.76
C LYS E 50 -15.79 -2.09 -7.49
N VAL E 51 -16.08 -3.37 -7.63
CA VAL E 51 -16.32 -4.18 -6.44
C VAL E 51 -15.04 -4.51 -5.65
N PHE E 52 -13.91 -4.70 -6.34
CA PHE E 52 -12.64 -4.87 -5.61
C PHE E 52 -12.41 -3.70 -4.66
N PHE E 53 -12.62 -2.48 -5.16
CA PHE E 53 -12.34 -1.31 -4.37
C PHE E 53 -13.25 -1.22 -3.18
N LYS E 54 -14.52 -1.52 -3.42
CA LYS E 54 -15.53 -1.46 -2.38
C LYS E 54 -15.16 -2.42 -1.27
N ARG E 55 -14.78 -3.61 -1.67
CA ARG E 55 -14.36 -4.62 -0.75
C ARG E 55 -13.12 -4.23 0.02
N ALA E 56 -12.20 -3.54 -0.63
CA ALA E 56 -10.94 -3.24 0.03
C ALA E 56 -11.13 -2.17 1.09
N VAL E 57 -12.02 -1.25 0.77
CA VAL E 57 -12.19 -0.06 1.57
C VAL E 57 -13.07 -0.36 2.81
N GLU E 58 -14.03 -1.26 2.64
CA GLU E 58 -14.94 -1.65 3.71
C GLU E 58 -14.25 -2.55 4.71
N GLY E 59 -13.29 -3.32 4.23
CA GLY E 59 -12.61 -4.25 5.12
C GLY E 59 -11.22 -3.82 5.52
N GLN E 60 -10.38 -4.82 5.82
CA GLN E 60 -8.97 -4.59 6.03
C GLN E 60 -8.25 -4.73 4.70
N HIS E 61 -7.57 -3.67 4.29
CA HIS E 61 -6.75 -3.69 3.08
C HIS E 61 -5.26 -3.93 3.32
N ASN E 62 -4.86 -4.59 4.42
CA ASN E 62 -3.42 -4.81 4.56
C ASN E 62 -2.93 -5.91 3.61
N TYR E 63 -2.24 -5.47 2.58
CA TYR E 63 -1.88 -6.30 1.47
C TYR E 63 -0.40 -6.18 1.38
N LEU E 64 0.27 -7.24 0.98
CA LEU E 64 1.70 -7.14 0.77
C LEU E 64 2.04 -7.32 -0.69
N CYS E 65 2.93 -6.45 -1.18
CA CYS E 65 3.45 -6.58 -2.53
C CYS E 65 4.65 -7.51 -2.48
N ALA E 66 4.69 -8.46 -3.42
CA ALA E 66 5.82 -9.39 -3.52
C ALA E 66 6.91 -8.82 -4.42
N GLY E 67 6.58 -7.71 -5.06
CA GLY E 67 7.42 -7.04 -6.01
C GLY E 67 8.06 -5.81 -5.43
N ARG E 68 8.18 -4.80 -6.27
CA ARG E 68 8.62 -3.46 -5.91
C ARG E 68 7.51 -2.39 -5.76
N ASN E 69 6.25 -2.80 -5.59
CA ASN E 69 5.10 -1.88 -5.54
C ASN E 69 4.85 -1.11 -6.83
N ASP E 70 5.41 -1.59 -7.93
CA ASP E 70 5.05 -1.18 -9.29
C ASP E 70 4.36 -2.25 -10.14
N CYS E 71 3.77 -3.28 -9.54
CA CYS E 71 3.27 -4.41 -10.31
C CYS E 71 2.38 -3.96 -11.47
N ILE E 72 2.46 -4.63 -12.62
CA ILE E 72 1.62 -4.23 -13.77
C ILE E 72 0.16 -4.62 -13.48
N ILE E 73 -0.76 -3.68 -13.53
CA ILE E 73 -2.16 -4.03 -13.26
C ILE E 73 -2.97 -3.93 -14.55
N ASP E 74 -3.33 -5.10 -15.09
CA ASP E 74 -4.17 -5.23 -16.29
C ASP E 74 -5.14 -6.39 -16.14
N LYS E 75 -5.85 -6.72 -17.22
CA LYS E 75 -6.98 -7.65 -17.09
C LYS E 75 -6.55 -9.03 -16.64
N ILE E 76 -5.43 -9.54 -17.14
CA ILE E 76 -5.05 -10.86 -16.64
C ILE E 76 -4.27 -10.77 -15.31
N ARG E 77 -3.46 -9.72 -15.15
CA ARG E 77 -2.57 -9.70 -13.99
C ARG E 77 -3.15 -9.00 -12.75
N ARG E 78 -4.30 -8.35 -12.89
CA ARG E 78 -4.81 -7.55 -11.78
C ARG E 78 -5.09 -8.35 -10.52
N LYS E 79 -5.29 -9.67 -10.62
CA LYS E 79 -5.49 -10.49 -9.41
C LYS E 79 -4.20 -10.78 -8.65
N ASN E 80 -3.04 -10.54 -9.26
CA ASN E 80 -1.77 -10.92 -8.62
C ASN E 80 -1.40 -10.08 -7.40
N CYS E 81 -1.73 -8.79 -7.45
CA CYS E 81 -1.24 -7.92 -6.42
C CYS E 81 -2.32 -6.96 -5.99
N PRO E 82 -3.15 -7.40 -5.04
CA PRO E 82 -4.18 -6.53 -4.43
C PRO E 82 -3.56 -5.24 -3.94
N ALA E 83 -2.37 -5.31 -3.35
CA ALA E 83 -1.71 -4.08 -2.85
C ALA E 83 -1.50 -3.04 -3.97
N CYS E 84 -0.91 -3.41 -5.10
CA CYS E 84 -0.75 -2.46 -6.21
C CYS E 84 -2.11 -2.08 -6.84
N ARG E 85 -3.02 -3.03 -6.92
CA ARG E 85 -4.33 -2.70 -7.47
C ARG E 85 -5.03 -1.60 -6.63
N TYR E 86 -4.98 -1.77 -5.32
CA TYR E 86 -5.68 -0.85 -4.45
C TYR E 86 -5.02 0.53 -4.48
N ARG E 87 -3.69 0.56 -4.56
CA ARG E 87 -2.98 1.81 -4.71
C ARG E 87 -3.35 2.50 -6.02
N LYS E 88 -3.49 1.74 -7.11
CA LYS E 88 -3.94 2.34 -8.36
C LYS E 88 -5.34 2.94 -8.22
N CYS E 89 -6.23 2.23 -7.52
CA CYS E 89 -7.55 2.79 -7.24
C CYS E 89 -7.46 4.17 -6.56
N LEU E 90 -6.60 4.30 -5.55
CA LEU E 90 -6.50 5.55 -4.81
C LEU E 90 -5.90 6.64 -5.68
N GLN E 91 -4.85 6.30 -6.43
CA GLN E 91 -4.24 7.25 -7.36
C GLN E 91 -5.23 7.79 -8.38
N ALA E 92 -6.11 6.92 -8.85
CA ALA E 92 -7.14 7.34 -9.78
C ALA E 92 -8.16 8.24 -9.11
N GLY E 93 -8.21 8.19 -7.78
CA GLY E 93 -9.14 9.02 -7.06
C GLY E 93 -10.44 8.36 -6.60
N MET E 94 -10.51 7.03 -6.62
CA MET E 94 -11.74 6.38 -6.18
C MET E 94 -12.04 6.74 -4.74
N ASN E 95 -13.32 6.93 -4.44
CA ASN E 95 -13.74 7.17 -3.05
C ASN E 95 -15.24 6.91 -2.86
N LEU E 96 -15.65 6.60 -1.64
CA LEU E 96 -17.01 6.16 -1.43
C LEU E 96 -17.99 7.29 -1.43
N GLU E 97 -17.52 8.51 -1.15
CA GLU E 97 -18.39 9.67 -1.09
C GLU E 97 -19.30 9.70 -2.31
N ALA E 98 -18.76 9.34 -3.49
CA ALA E 98 -19.53 9.28 -4.73
C ALA E 98 -20.34 10.57 -4.93
N ARG E 99 -21.62 10.43 -5.31
CA ARG E 99 -22.60 11.53 -5.26
C ARG E 99 -22.25 12.78 -6.10
N PRO F 26 13.70 -26.16 13.58
CA PRO F 26 12.77 -26.17 12.45
C PRO F 26 13.44 -26.34 11.09
N LYS F 27 12.90 -27.28 10.32
CA LYS F 27 13.32 -27.48 8.93
C LYS F 27 12.37 -26.70 8.02
N LEU F 28 12.93 -25.83 7.19
CA LEU F 28 12.14 -24.84 6.44
C LEU F 28 11.95 -25.15 4.95
N CYS F 29 10.78 -24.77 4.42
CA CYS F 29 10.43 -24.98 3.01
C CYS F 29 11.41 -24.29 2.09
N LEU F 30 11.96 -25.03 1.14
CA LEU F 30 12.96 -24.48 0.24
C LEU F 30 12.35 -23.51 -0.79
N VAL F 31 11.03 -23.45 -0.81
CA VAL F 31 10.34 -22.59 -1.74
C VAL F 31 9.86 -21.33 -1.06
N CYS F 32 8.93 -21.47 -0.14
CA CYS F 32 8.38 -20.29 0.53
C CYS F 32 8.95 -20.00 1.91
N GLY F 33 9.85 -20.85 2.41
CA GLY F 33 10.42 -20.65 3.73
C GLY F 33 9.53 -20.95 4.94
N ASP F 34 8.29 -21.37 4.70
CA ASP F 34 7.35 -21.77 5.75
C ASP F 34 7.89 -23.01 6.44
N GLU F 35 7.39 -23.34 7.62
CA GLU F 35 7.87 -24.56 8.25
C GLU F 35 7.49 -25.76 7.39
N ALA F 36 8.51 -26.56 7.07
CA ALA F 36 8.37 -27.68 6.15
C ALA F 36 7.80 -28.92 6.85
N SER F 37 6.81 -29.54 6.20
CA SER F 37 6.19 -30.74 6.75
C SER F 37 7.06 -31.98 6.52
N GLY F 38 7.76 -32.01 5.40
CA GLY F 38 8.55 -33.17 5.03
C GLY F 38 9.16 -33.06 3.64
N CYS F 39 9.48 -34.19 3.04
CA CYS F 39 10.08 -34.20 1.71
C CYS F 39 9.00 -34.50 0.69
N HIS F 40 8.76 -33.58 -0.25
CA HIS F 40 7.68 -33.74 -1.19
C HIS F 40 8.14 -33.55 -2.62
N TYR F 41 7.74 -34.47 -3.50
CA TYR F 41 8.14 -34.45 -4.89
C TYR F 41 9.64 -34.23 -5.09
N GLY F 42 10.42 -34.73 -4.14
CA GLY F 42 11.86 -34.73 -4.27
C GLY F 42 12.56 -33.61 -3.55
N VAL F 43 11.80 -32.73 -2.93
CA VAL F 43 12.35 -31.53 -2.30
C VAL F 43 11.76 -31.33 -0.93
N LEU F 44 12.52 -30.75 -0.01
CA LEU F 44 11.98 -30.49 1.32
C LEU F 44 11.08 -29.25 1.29
N THR F 45 9.78 -29.43 1.54
CA THR F 45 8.82 -28.34 1.36
C THR F 45 7.63 -28.43 2.30
N CYS F 46 6.92 -27.31 2.41
CA CYS F 46 5.65 -27.21 3.11
C CYS F 46 4.54 -27.90 2.32
N GLY F 47 3.42 -28.15 2.97
CA GLY F 47 2.29 -28.78 2.32
C GLY F 47 1.52 -27.94 1.33
N SER F 48 1.42 -26.65 1.57
CA SER F 48 0.74 -25.79 0.59
C SER F 48 1.55 -25.80 -0.71
N CYS F 49 2.87 -25.73 -0.58
CA CYS F 49 3.69 -25.78 -1.77
C CYS F 49 3.58 -27.15 -2.42
N LYS F 50 3.46 -28.18 -1.60
CA LYS F 50 3.26 -29.52 -2.14
C LYS F 50 2.06 -29.50 -3.10
N VAL F 51 0.91 -29.05 -2.62
CA VAL F 51 -0.28 -29.18 -3.44
C VAL F 51 -0.35 -28.12 -4.55
N PHE F 52 0.27 -26.95 -4.31
CA PHE F 52 0.38 -25.95 -5.36
C PHE F 52 1.10 -26.55 -6.57
N PHE F 53 2.21 -27.22 -6.31
CA PHE F 53 3.04 -27.73 -7.39
C PHE F 53 2.32 -28.78 -8.22
N LYS F 54 1.69 -29.73 -7.54
CA LYS F 54 0.90 -30.74 -8.23
C LYS F 54 -0.13 -30.05 -9.10
N ARG F 55 -0.88 -29.13 -8.49
CA ARG F 55 -1.93 -28.44 -9.19
C ARG F 55 -1.35 -27.72 -10.40
N ALA F 56 -0.19 -27.12 -10.20
CA ALA F 56 0.39 -26.32 -11.25
C ALA F 56 0.94 -27.19 -12.34
N VAL F 57 1.52 -28.33 -11.97
CA VAL F 57 2.13 -29.15 -12.98
C VAL F 57 1.06 -29.85 -13.80
N GLU F 58 0.27 -30.68 -13.12
CA GLU F 58 -0.77 -31.46 -13.77
C GLU F 58 -1.67 -30.57 -14.59
N GLY F 59 -2.39 -29.71 -13.88
CA GLY F 59 -3.50 -29.03 -14.45
C GLY F 59 -3.28 -28.22 -15.72
N GLN F 60 -2.12 -27.55 -15.89
CA GLN F 60 -1.96 -26.45 -16.86
C GLN F 60 -0.59 -25.85 -16.39
N HIS F 61 0.00 -24.70 -16.76
CA HIS F 61 -0.50 -23.39 -17.23
C HIS F 61 0.68 -22.54 -17.53
N ASN F 62 0.42 -21.39 -18.10
CA ASN F 62 1.45 -20.39 -18.31
C ASN F 62 1.06 -19.24 -17.39
N TYR F 63 1.70 -19.17 -16.23
CA TYR F 63 1.42 -18.14 -15.26
C TYR F 63 2.20 -16.92 -15.74
N LEU F 64 1.76 -15.71 -15.42
CA LEU F 64 2.51 -14.52 -15.84
C LEU F 64 2.77 -13.59 -14.64
N CYS F 65 4.03 -13.23 -14.44
CA CYS F 65 4.43 -12.30 -13.38
C CYS F 65 3.98 -10.88 -13.74
N ALA F 66 3.57 -10.11 -12.74
CA ALA F 66 3.23 -8.69 -12.94
C ALA F 66 4.44 -7.82 -12.57
N GLY F 67 5.51 -8.51 -12.18
CA GLY F 67 6.77 -7.94 -11.74
C GLY F 67 7.92 -7.95 -12.72
N ARG F 68 9.05 -8.33 -12.14
CA ARG F 68 10.32 -8.61 -12.81
C ARG F 68 10.75 -10.08 -12.95
N ASN F 69 9.87 -11.05 -12.74
CA ASN F 69 10.21 -12.49 -12.63
C ASN F 69 11.12 -12.76 -11.44
N ASP F 70 11.17 -11.79 -10.53
CA ASP F 70 11.91 -11.82 -9.28
C ASP F 70 11.09 -11.84 -7.99
N CYS F 71 9.81 -12.19 -8.02
CA CYS F 71 9.00 -11.97 -6.83
C CYS F 71 9.47 -12.66 -5.52
N ILE F 72 9.26 -11.97 -4.41
CA ILE F 72 9.52 -12.53 -3.09
C ILE F 72 8.50 -13.60 -2.80
N ILE F 73 8.95 -14.78 -2.41
CA ILE F 73 8.02 -15.82 -2.05
C ILE F 73 8.17 -16.17 -0.58
N ASP F 74 7.22 -15.74 0.23
CA ASP F 74 7.20 -16.13 1.64
C ASP F 74 5.80 -16.59 1.98
N LYS F 75 5.57 -16.92 3.25
CA LYS F 75 4.32 -17.56 3.65
C LYS F 75 3.15 -16.71 3.23
N ILE F 76 3.24 -15.40 3.46
CA ILE F 76 2.17 -14.53 3.04
C ILE F 76 2.22 -14.31 1.54
N ARG F 77 3.41 -14.01 1.04
CA ARG F 77 3.51 -13.54 -0.34
C ARG F 77 3.41 -14.62 -1.41
N ARG F 78 3.56 -15.88 -1.03
CA ARG F 78 3.51 -16.97 -2.02
C ARG F 78 2.23 -16.96 -2.90
N LYS F 79 1.14 -16.41 -2.38
CA LYS F 79 -0.13 -16.41 -3.10
C LYS F 79 -0.17 -15.40 -4.23
N ASN F 80 0.73 -14.43 -4.17
CA ASN F 80 0.75 -13.32 -5.12
C ASN F 80 1.19 -13.69 -6.53
N CYS F 81 2.24 -14.49 -6.65
CA CYS F 81 2.82 -14.71 -7.97
C CYS F 81 3.09 -16.18 -8.18
N PRO F 82 2.09 -16.88 -8.70
CA PRO F 82 2.15 -18.27 -9.13
C PRO F 82 3.31 -18.48 -10.11
N ALA F 83 3.52 -17.54 -11.02
CA ALA F 83 4.66 -17.65 -11.92
C ALA F 83 5.94 -17.81 -11.12
N CYS F 84 6.21 -16.88 -10.21
CA CYS F 84 7.47 -16.94 -9.49
C CYS F 84 7.49 -18.11 -8.50
N ARG F 85 6.32 -18.48 -7.99
CA ARG F 85 6.25 -19.61 -7.08
C ARG F 85 6.62 -20.89 -7.84
N TYR F 86 5.94 -21.10 -8.96
CA TYR F 86 6.18 -22.24 -9.81
C TYR F 86 7.61 -22.37 -10.23
N ARG F 87 8.16 -21.27 -10.75
CA ARG F 87 9.58 -21.20 -11.07
C ARG F 87 10.48 -21.62 -9.91
N LYS F 88 10.18 -21.15 -8.71
CA LYS F 88 11.08 -21.43 -7.61
C LYS F 88 10.96 -22.91 -7.27
N CYS F 89 9.77 -23.48 -7.44
CA CYS F 89 9.58 -24.91 -7.25
C CYS F 89 10.50 -25.71 -8.17
N LEU F 90 10.55 -25.30 -9.44
CA LEU F 90 11.31 -26.03 -10.43
C LEU F 90 12.77 -25.87 -10.15
N GLN F 91 13.24 -24.64 -10.02
CA GLN F 91 14.65 -24.42 -9.72
C GLN F 91 15.08 -25.08 -8.42
N ALA F 92 14.13 -25.54 -7.63
CA ALA F 92 14.49 -26.29 -6.43
C ALA F 92 14.57 -27.80 -6.71
N GLY F 93 14.11 -28.22 -7.88
CA GLY F 93 14.22 -29.59 -8.30
C GLY F 93 12.96 -30.43 -8.09
N MET F 94 11.83 -29.79 -7.80
CA MET F 94 10.60 -30.54 -7.64
C MET F 94 10.25 -31.19 -8.98
N ASN F 95 9.85 -32.46 -8.95
CA ASN F 95 9.30 -33.11 -10.12
C ASN F 95 8.40 -34.26 -9.71
N LEU F 96 7.43 -34.58 -10.56
CA LEU F 96 6.44 -35.61 -10.23
C LEU F 96 7.00 -37.02 -10.12
N GLU F 97 8.17 -37.26 -10.72
CA GLU F 97 8.73 -38.60 -10.74
C GLU F 97 9.50 -38.93 -9.46
N ALA F 98 10.65 -38.28 -9.29
CA ALA F 98 11.56 -38.54 -8.18
C ALA F 98 10.91 -38.28 -6.82
ZN ZN I . 11.10 0.42 7.55
ZN ZN J . -3.13 6.37 10.39
ZN ZN K . -7.04 25.66 6.37
ZN ZN L . -5.83 10.68 2.73
ZN ZN M . -10.52 -2.26 -13.99
ZN ZN N . 2.72 -5.23 -6.24
ZN ZN O . 6.38 -23.59 0.97
ZN ZN P . 6.48 -12.73 -10.02
#